data_3BBA
#
_entry.id   3BBA
#
_cell.length_a   129.241
_cell.length_b   129.241
_cell.length_c   81.970
_cell.angle_alpha   90.00
_cell.angle_beta   90.00
_cell.angle_gamma   90.00
#
_symmetry.space_group_name_H-M   'P 41 21 2'
#
_entity_poly.entity_id   1
_entity_poly.type   'polypeptide(L)'
_entity_poly.pdbx_seq_one_letter_code
;VIKPDPSKYAAEVSTLLTTTWGQQMPYNKLLPKTKKGRLITGCVATATAQVLNYFKYPVRGIGSHTVHYPANDPSGTAIS
ADFGNTTYDWANMKDNYSGNYTEAEANAVATLMLHCGVASEMQYGGPNEGSGAYMTDCAAGLRTYFGFTDAEYITRANYT
DEQWMDIVFSELTKGHPLIYGGVSPGSMGQDAGHAFVIDGYNKAGLVSVNWGWNGDVDGYYKIDLLNPGNMYSFTAEQDM
VRGVYGKPLED
;
_entity_poly.pdbx_strand_id   A,B
#
# COMPACT_ATOMS: atom_id res chain seq x y z
N VAL A 1 -2.49 0.85 5.79
CA VAL A 1 -1.58 1.52 4.83
C VAL A 1 -1.46 3.00 5.15
N ILE A 2 -0.24 3.43 5.43
CA ILE A 2 0.01 4.79 5.90
C ILE A 2 0.06 5.77 4.73
N LYS A 3 -0.43 6.98 4.98
CA LYS A 3 -0.65 7.98 3.92
C LYS A 3 0.19 9.23 4.05
N PRO A 4 0.57 9.83 2.91
CA PRO A 4 1.46 10.97 2.90
C PRO A 4 0.83 12.21 3.51
N ASP A 5 1.43 12.70 4.58
CA ASP A 5 1.02 13.98 5.18
C ASP A 5 1.45 15.15 4.28
N PRO A 6 0.50 15.87 3.67
CA PRO A 6 0.88 16.92 2.71
C PRO A 6 1.43 18.22 3.30
N SER A 7 1.38 18.36 4.62
CA SER A 7 2.06 19.47 5.28
C SER A 7 3.52 19.12 5.57
N LYS A 8 3.94 17.89 5.24
CA LYS A 8 5.33 17.44 5.39
C LYS A 8 5.97 17.08 4.06
N TYR A 9 5.22 16.38 3.22
CA TYR A 9 5.71 15.92 1.91
C TYR A 9 4.79 16.44 0.84
N ALA A 10 5.09 16.14 -0.42
CA ALA A 10 4.22 16.49 -1.53
C ALA A 10 2.96 15.64 -1.44
N ALA A 11 1.85 16.17 -1.93
CA ALA A 11 0.55 15.48 -1.81
C ALA A 11 0.49 14.17 -2.59
N GLU A 12 1.27 14.13 -3.67
CA GLU A 12 1.53 12.91 -4.45
C GLU A 12 2.71 13.12 -5.40
N VAL A 13 3.25 12.04 -5.92
CA VAL A 13 4.33 12.13 -6.90
C VAL A 13 3.99 11.16 -8.01
N SER A 14 3.79 11.68 -9.22
CA SER A 14 3.38 10.82 -10.30
C SER A 14 4.60 10.17 -10.95
N THR A 15 4.38 9.00 -11.53
CA THR A 15 5.44 8.15 -12.03
C THR A 15 6.57 8.98 -12.61
N LEU A 16 7.76 8.78 -12.06
CA LEU A 16 8.93 9.58 -12.42
C LEU A 16 9.66 9.02 -13.64
N LEU A 17 9.89 7.71 -13.66
CA LEU A 17 10.63 7.09 -14.77
C LEU A 17 9.85 7.15 -16.07
N THR A 18 10.57 7.31 -17.19
CA THR A 18 9.97 7.20 -18.52
C THR A 18 10.47 6.00 -19.28
N THR A 19 11.43 5.29 -18.69
CA THR A 19 11.94 4.06 -19.28
C THR A 19 11.06 2.89 -18.86
N THR A 20 11.08 1.86 -19.68
CA THR A 20 10.22 0.72 -19.53
C THR A 20 11.04 -0.48 -19.97
N TRP A 21 12.15 -0.67 -19.25
CA TRP A 21 13.23 -1.57 -19.61
C TRP A 21 13.11 -2.98 -19.00
N GLY A 22 14.07 -3.86 -19.33
CA GLY A 22 14.14 -5.23 -18.81
C GLY A 22 15.55 -5.83 -18.84
N GLN A 23 15.64 -7.15 -18.83
CA GLN A 23 16.92 -7.84 -18.65
C GLN A 23 17.49 -8.55 -19.88
N GLN A 24 16.69 -8.69 -20.95
CA GLN A 24 17.14 -9.46 -22.10
C GLN A 24 17.53 -8.57 -23.26
N MET A 25 17.40 -9.05 -24.48
CA MET A 25 17.80 -8.23 -25.63
C MET A 25 16.94 -6.97 -25.75
N PRO A 26 17.55 -5.87 -26.16
CA PRO A 26 18.98 -5.62 -26.37
C PRO A 26 19.71 -5.10 -25.12
N TYR A 27 19.11 -5.24 -23.94
CA TYR A 27 19.70 -4.71 -22.72
C TYR A 27 20.94 -5.54 -22.40
N ASN A 28 20.89 -6.81 -22.77
CA ASN A 28 22.00 -7.73 -22.53
C ASN A 28 22.92 -7.89 -23.72
N LYS A 29 22.69 -7.12 -24.79
CA LYS A 29 23.41 -7.32 -26.05
C LYS A 29 24.90 -7.59 -25.84
N LEU A 30 25.52 -6.85 -24.92
CA LEU A 30 26.96 -6.96 -24.70
C LEU A 30 27.39 -8.07 -23.75
N LEU A 31 26.46 -8.86 -23.25
CA LEU A 31 26.83 -9.97 -22.39
C LEU A 31 27.07 -11.21 -23.25
N PRO A 32 27.89 -12.15 -22.77
CA PRO A 32 28.15 -13.38 -23.52
C PRO A 32 26.89 -14.20 -23.78
N LYS A 33 26.85 -14.90 -24.92
CA LYS A 33 25.80 -15.89 -25.15
C LYS A 33 26.28 -17.19 -24.55
N THR A 34 25.36 -18.07 -24.18
CA THR A 34 25.72 -19.40 -23.75
C THR A 34 24.79 -20.40 -24.43
N LYS A 35 25.09 -21.69 -24.27
CA LYS A 35 24.24 -22.69 -24.86
C LYS A 35 22.89 -22.80 -24.16
N LYS A 36 22.78 -22.20 -22.97
CA LYS A 36 21.49 -22.01 -22.31
C LYS A 36 20.95 -20.60 -22.57
N GLY A 37 21.28 -20.03 -23.72
CA GLY A 37 20.81 -18.68 -24.09
C GLY A 37 21.73 -17.60 -23.56
N ARG A 38 21.54 -16.37 -24.02
CA ARG A 38 22.42 -15.28 -23.58
C ARG A 38 22.17 -14.86 -22.12
N LEU A 39 23.26 -14.51 -21.46
CA LEU A 39 23.20 -14.09 -20.08
C LEU A 39 22.31 -12.87 -19.96
N ILE A 40 21.52 -12.82 -18.88
CA ILE A 40 20.62 -11.72 -18.63
C ILE A 40 21.24 -10.72 -17.63
N THR A 41 20.80 -9.48 -17.73
CA THR A 41 21.47 -8.33 -17.10
C THR A 41 21.42 -8.38 -15.58
N GLY A 42 20.31 -8.90 -15.05
CA GLY A 42 20.10 -8.96 -13.61
C GLY A 42 19.17 -7.83 -13.17
N CYS A 43 18.32 -8.11 -12.20
CA CYS A 43 17.31 -7.15 -11.75
C CYS A 43 17.94 -5.94 -11.09
N VAL A 44 18.97 -6.20 -10.30
CA VAL A 44 19.73 -5.13 -9.69
C VAL A 44 20.27 -4.17 -10.76
N ALA A 45 20.84 -4.72 -11.83
CA ALA A 45 21.41 -3.92 -12.90
C ALA A 45 20.31 -3.09 -13.57
N THR A 46 19.24 -3.76 -14.00
CA THR A 46 18.17 -3.09 -14.74
C THR A 46 17.57 -1.97 -13.93
N ALA A 47 17.38 -2.19 -12.64
CA ALA A 47 16.83 -1.15 -11.74
C ALA A 47 17.81 0.02 -11.59
N THR A 48 19.09 -0.28 -11.32
CA THR A 48 20.12 0.76 -11.25
C THR A 48 20.20 1.53 -12.55
N ALA A 49 20.21 0.81 -13.67
CA ALA A 49 20.25 1.40 -15.01
C ALA A 49 19.18 2.46 -15.18
N GLN A 50 17.96 2.11 -14.80
CA GLN A 50 16.84 2.99 -15.02
C GLN A 50 16.98 4.28 -14.24
N VAL A 51 17.35 4.16 -12.95
CA VAL A 51 17.53 5.35 -12.09
C VAL A 51 18.65 6.25 -12.62
N LEU A 52 19.80 5.68 -12.92
CA LEU A 52 20.88 6.46 -13.50
C LEU A 52 20.35 7.20 -14.74
N ASN A 53 19.59 6.53 -15.60
CA ASN A 53 19.04 7.19 -16.80
C ASN A 53 18.11 8.37 -16.47
N TYR A 54 17.36 8.23 -15.39
CA TYR A 54 16.47 9.29 -14.96
C TYR A 54 17.24 10.59 -14.81
N PHE A 55 18.42 10.50 -14.20
CA PHE A 55 19.26 11.67 -14.00
C PHE A 55 20.24 11.93 -15.17
N LYS A 56 20.29 11.03 -16.15
CA LYS A 56 21.31 11.10 -17.20
C LYS A 56 22.66 11.49 -16.61
N TYR A 57 23.13 10.70 -15.67
CA TYR A 57 24.29 11.05 -14.85
C TYR A 57 24.95 9.79 -14.27
N PRO A 58 26.28 9.74 -14.15
CA PRO A 58 27.32 10.72 -14.43
C PRO A 58 27.68 10.73 -15.91
N VAL A 59 28.45 11.72 -16.38
CA VAL A 59 28.85 11.73 -17.80
C VAL A 59 29.73 10.54 -18.09
N ARG A 60 30.55 10.21 -17.09
CA ARG A 60 31.66 9.27 -17.21
C ARG A 60 31.92 8.57 -15.88
N GLY A 61 32.43 7.35 -15.93
CA GLY A 61 32.63 6.56 -14.73
C GLY A 61 34.01 6.72 -14.14
N ILE A 62 34.30 5.93 -13.12
CA ILE A 62 35.55 6.02 -12.37
C ILE A 62 36.21 4.64 -12.29
N GLY A 63 37.35 4.48 -12.97
CA GLY A 63 38.10 3.23 -12.91
C GLY A 63 37.53 2.10 -13.76
N SER A 64 37.90 0.88 -13.39
CA SER A 64 37.46 -0.31 -14.11
C SER A 64 37.36 -1.53 -13.18
N HIS A 65 36.76 -2.59 -13.69
CA HIS A 65 36.49 -3.78 -12.89
C HIS A 65 35.95 -4.91 -13.77
N THR A 66 36.18 -6.13 -13.31
CA THR A 66 35.77 -7.32 -14.02
C THR A 66 35.14 -8.33 -13.07
N VAL A 67 34.07 -8.96 -13.53
CA VAL A 67 33.51 -10.12 -12.87
C VAL A 67 33.66 -11.31 -13.82
N HIS A 68 33.38 -12.51 -13.32
CA HIS A 68 33.48 -13.71 -14.14
C HIS A 68 32.24 -14.61 -14.13
N TYR A 69 31.96 -15.17 -15.30
CA TYR A 69 30.95 -16.20 -15.48
C TYR A 69 31.58 -17.55 -15.83
N PRO A 70 31.21 -18.61 -15.10
CA PRO A 70 30.38 -18.67 -13.91
C PRO A 70 30.99 -17.99 -12.71
N ALA A 71 30.13 -17.66 -11.75
CA ALA A 71 30.48 -16.82 -10.61
C ALA A 71 31.90 -17.07 -10.08
N ASN A 72 32.08 -18.12 -9.28
CA ASN A 72 33.33 -18.31 -8.53
C ASN A 72 34.23 -19.31 -9.21
N ASP A 73 34.07 -19.43 -10.53
CA ASP A 73 34.85 -20.39 -11.30
C ASP A 73 36.24 -19.83 -11.52
N PRO A 74 37.26 -20.67 -11.30
CA PRO A 74 38.67 -20.27 -11.37
C PRO A 74 39.14 -20.03 -12.80
N SER A 75 38.26 -20.23 -13.76
CA SER A 75 38.61 -20.11 -15.16
C SER A 75 37.42 -19.69 -16.01
N GLY A 76 36.50 -18.96 -15.38
CA GLY A 76 35.31 -18.46 -16.08
C GLY A 76 35.65 -17.29 -16.98
N THR A 77 34.65 -16.80 -17.72
CA THR A 77 34.91 -15.72 -18.67
C THR A 77 34.86 -14.35 -18.02
N ALA A 78 35.75 -13.46 -18.48
CA ALA A 78 35.83 -12.08 -18.00
C ALA A 78 34.68 -11.28 -18.56
N ILE A 79 34.01 -10.55 -17.69
CA ILE A 79 32.98 -9.62 -18.08
C ILE A 79 33.41 -8.30 -17.47
N SER A 80 34.02 -7.46 -18.30
CA SER A 80 34.71 -6.27 -17.80
C SER A 80 34.05 -4.98 -18.20
N ALA A 81 34.26 -3.97 -17.36
CA ALA A 81 33.67 -2.65 -17.56
C ALA A 81 34.71 -1.62 -17.28
N ASP A 82 35.02 -0.77 -18.27
CA ASP A 82 35.94 0.34 -18.07
C ASP A 82 35.19 1.67 -17.87
N PHE A 83 34.75 1.90 -16.64
CA PHE A 83 33.94 3.07 -16.30
C PHE A 83 34.75 4.34 -16.56
N GLY A 84 36.04 4.30 -16.27
CA GLY A 84 36.91 5.43 -16.42
C GLY A 84 36.84 6.04 -17.80
N ASN A 85 36.95 5.19 -18.82
CA ASN A 85 37.00 5.66 -20.21
C ASN A 85 35.67 5.59 -20.96
N THR A 86 34.56 5.50 -20.23
CA THR A 86 33.25 5.38 -20.84
C THR A 86 32.43 6.66 -20.67
N THR A 87 32.15 7.35 -21.78
CA THR A 87 31.29 8.53 -21.74
C THR A 87 29.90 8.10 -22.14
N TYR A 88 29.03 7.96 -21.16
CA TYR A 88 27.75 7.28 -21.33
C TYR A 88 26.84 8.00 -22.29
N ASP A 89 26.33 7.29 -23.28
CA ASP A 89 25.66 7.90 -24.41
C ASP A 89 24.19 8.08 -24.12
N TRP A 90 23.91 9.02 -23.23
CA TRP A 90 22.56 9.20 -22.69
C TRP A 90 21.59 9.52 -23.82
N ALA A 91 22.01 10.39 -24.74
CA ALA A 91 21.16 10.79 -25.85
C ALA A 91 20.46 9.60 -26.50
N ASN A 92 21.17 8.48 -26.62
CA ASN A 92 20.65 7.31 -27.32
C ASN A 92 20.10 6.22 -26.40
N MET A 93 19.71 6.62 -25.20
CA MET A 93 18.94 5.75 -24.29
C MET A 93 17.46 5.85 -24.65
N LYS A 94 16.99 5.05 -25.61
CA LYS A 94 15.55 5.02 -26.01
C LYS A 94 14.71 4.75 -24.73
N ASP A 95 13.51 5.34 -24.64
CA ASP A 95 12.65 5.05 -23.48
C ASP A 95 12.07 3.63 -23.54
N ASN A 96 11.93 3.08 -24.75
CA ASN A 96 11.28 1.79 -24.98
C ASN A 96 11.89 0.97 -26.14
N TYR A 97 12.53 -0.15 -25.83
CA TYR A 97 13.24 -0.94 -26.85
C TYR A 97 12.42 -2.12 -27.39
N SER A 98 11.11 -2.05 -27.22
CA SER A 98 10.21 -3.07 -27.75
C SER A 98 9.93 -2.89 -29.23
N GLY A 99 10.29 -1.74 -29.77
CA GLY A 99 10.13 -1.48 -31.19
C GLY A 99 11.42 -1.79 -31.90
N ASN A 100 11.63 -1.11 -33.03
CA ASN A 100 12.87 -1.19 -33.76
C ASN A 100 13.81 -0.15 -33.16
N TYR A 101 15.09 -0.22 -33.49
CA TYR A 101 16.07 0.76 -32.99
C TYR A 101 17.40 0.65 -33.70
N THR A 102 18.12 1.78 -33.79
CA THR A 102 19.47 1.80 -34.32
C THR A 102 20.38 1.07 -33.37
N GLU A 103 21.50 0.60 -33.90
CA GLU A 103 22.47 -0.11 -33.09
C GLU A 103 23.02 0.83 -32.02
N ALA A 104 23.37 2.05 -32.43
CA ALA A 104 23.72 3.14 -31.52
C ALA A 104 22.87 3.12 -30.25
N GLU A 105 21.55 3.06 -30.47
CA GLU A 105 20.57 3.04 -29.38
C GLU A 105 20.66 1.74 -28.59
N ALA A 106 20.90 0.62 -29.28
CA ALA A 106 21.12 -0.66 -28.59
C ALA A 106 22.32 -0.62 -27.67
N ASN A 107 23.45 -0.14 -28.19
CA ASN A 107 24.72 -0.09 -27.45
C ASN A 107 24.69 0.86 -26.30
N ALA A 108 23.88 1.91 -26.45
CA ALA A 108 23.69 2.89 -25.39
C ALA A 108 23.31 2.22 -24.08
N VAL A 109 22.18 1.51 -24.09
CA VAL A 109 21.67 0.86 -22.86
C VAL A 109 22.45 -0.40 -22.52
N ALA A 110 22.89 -1.14 -23.53
CA ALA A 110 23.62 -2.40 -23.32
C ALA A 110 24.85 -2.18 -22.42
N THR A 111 25.49 -1.01 -22.57
CA THR A 111 26.67 -0.66 -21.78
C THR A 111 26.30 -0.30 -20.37
N LEU A 112 25.25 0.50 -20.23
CA LEU A 112 24.82 0.90 -18.91
C LEU A 112 24.47 -0.35 -18.08
N MET A 113 23.73 -1.24 -18.70
CA MET A 113 23.35 -2.49 -18.07
C MET A 113 24.59 -3.27 -17.69
N LEU A 114 25.54 -3.37 -18.61
CA LEU A 114 26.76 -4.09 -18.31
C LEU A 114 27.39 -3.50 -17.06
N HIS A 115 27.64 -2.19 -17.11
CA HIS A 115 28.42 -1.52 -16.09
C HIS A 115 27.76 -1.59 -14.75
N CYS A 116 26.46 -1.33 -14.72
CA CYS A 116 25.70 -1.41 -13.47
C CYS A 116 25.88 -2.82 -12.90
N GLY A 117 25.65 -3.84 -13.74
CA GLY A 117 25.87 -5.23 -13.33
C GLY A 117 27.25 -5.46 -12.73
N VAL A 118 28.29 -5.17 -13.53
CA VAL A 118 29.70 -5.34 -13.11
C VAL A 118 29.98 -4.59 -11.79
N ALA A 119 29.59 -3.33 -11.74
CA ALA A 119 29.75 -2.52 -10.54
C ALA A 119 29.10 -3.14 -9.28
N SER A 120 28.14 -4.05 -9.43
CA SER A 120 27.47 -4.65 -8.27
C SER A 120 27.96 -6.05 -7.91
N GLU A 121 28.97 -6.50 -8.65
CA GLU A 121 29.55 -7.83 -8.51
C GLU A 121 28.51 -8.84 -8.89
N MET A 122 27.86 -8.59 -10.01
CA MET A 122 26.84 -9.48 -10.49
C MET A 122 27.45 -10.90 -10.68
N GLN A 123 26.75 -11.89 -10.11
CA GLN A 123 26.91 -13.27 -10.53
C GLN A 123 25.95 -13.49 -11.67
N TYR A 124 26.47 -13.54 -12.88
CA TYR A 124 25.62 -13.59 -14.05
C TYR A 124 25.04 -14.98 -14.27
N GLY A 125 23.98 -15.06 -15.06
CA GLY A 125 23.31 -16.32 -15.35
C GLY A 125 22.41 -16.29 -16.59
N GLY A 126 21.92 -17.45 -16.99
CA GLY A 126 21.04 -17.57 -18.15
C GLY A 126 19.64 -17.12 -17.84
N PRO A 127 18.74 -17.24 -18.82
CA PRO A 127 17.33 -16.85 -18.66
C PRO A 127 16.61 -17.66 -17.57
N ASN A 128 16.92 -18.94 -17.50
CA ASN A 128 16.29 -19.82 -16.51
C ASN A 128 16.93 -19.66 -15.15
N GLU A 129 18.24 -19.44 -15.13
CA GLU A 129 19.00 -19.43 -13.89
C GLU A 129 18.87 -18.08 -13.22
N GLY A 130 18.94 -17.02 -14.02
CA GLY A 130 18.85 -15.66 -13.54
C GLY A 130 20.20 -15.07 -13.16
N SER A 131 20.30 -13.75 -13.12
CA SER A 131 21.50 -13.07 -12.62
C SER A 131 21.16 -12.24 -11.39
N GLY A 132 21.90 -12.45 -10.31
CA GLY A 132 21.64 -11.78 -9.04
C GLY A 132 22.87 -11.07 -8.50
N ALA A 133 22.63 -10.03 -7.71
CA ALA A 133 23.68 -9.38 -6.91
C ALA A 133 23.14 -8.95 -5.53
N TYR A 134 24.00 -8.40 -4.69
CA TYR A 134 23.57 -7.90 -3.38
C TYR A 134 23.41 -6.37 -3.37
N MET A 135 22.27 -5.91 -2.90
CA MET A 135 21.99 -4.48 -2.84
C MET A 135 23.11 -3.73 -2.14
N THR A 136 23.75 -4.42 -1.19
CA THR A 136 24.84 -3.82 -0.45
C THR A 136 26.02 -3.53 -1.39
N ASP A 137 26.35 -4.47 -2.27
CA ASP A 137 27.44 -4.29 -3.25
C ASP A 137 27.07 -3.29 -4.31
N CYS A 138 25.78 -3.12 -4.51
CA CYS A 138 25.26 -2.18 -5.47
C CYS A 138 25.56 -0.77 -4.99
N ALA A 139 25.24 -0.50 -3.73
CA ALA A 139 25.61 0.77 -3.12
C ALA A 139 27.12 1.02 -3.30
N ALA A 140 27.93 0.07 -2.83
CA ALA A 140 29.39 0.20 -2.89
C ALA A 140 29.87 0.52 -4.27
N GLY A 141 29.25 -0.12 -5.26
CA GLY A 141 29.62 0.06 -6.66
C GLY A 141 29.26 1.43 -7.19
N LEU A 142 28.06 1.88 -6.87
CA LEU A 142 27.64 3.19 -7.29
C LEU A 142 28.62 4.28 -6.81
N ARG A 143 28.92 4.25 -5.50
CA ARG A 143 29.91 5.16 -4.91
C ARG A 143 31.22 5.10 -5.70
N THR A 144 31.80 3.89 -5.79
CA THR A 144 33.16 3.74 -6.29
C THR A 144 33.27 4.06 -7.76
N TYR A 145 32.46 3.40 -8.58
CA TYR A 145 32.62 3.43 -10.04
C TYR A 145 31.76 4.46 -10.75
N PHE A 146 30.75 4.99 -10.06
CA PHE A 146 29.85 5.93 -10.70
C PHE A 146 29.90 7.32 -10.12
N GLY A 147 30.50 7.46 -8.94
CA GLY A 147 30.77 8.78 -8.35
C GLY A 147 29.69 9.27 -7.40
N PHE A 148 28.71 8.41 -7.11
CA PHE A 148 27.62 8.76 -6.22
C PHE A 148 28.03 8.64 -4.77
N THR A 149 28.78 9.62 -4.27
CA THR A 149 29.37 9.47 -2.94
C THR A 149 28.33 9.48 -1.84
N ASP A 150 27.09 9.82 -2.19
CA ASP A 150 26.01 9.81 -1.22
C ASP A 150 25.18 8.53 -1.26
N ALA A 151 25.36 7.72 -2.29
CA ALA A 151 24.64 6.45 -2.38
C ALA A 151 24.87 5.65 -1.12
N GLU A 152 23.81 5.05 -0.59
CA GLU A 152 23.85 4.40 0.72
C GLU A 152 22.83 3.27 0.81
N TYR A 153 23.21 2.19 1.46
CA TYR A 153 22.34 1.03 1.58
C TYR A 153 21.63 1.07 2.92
N ILE A 154 20.37 0.68 2.95
CA ILE A 154 19.64 0.45 4.21
C ILE A 154 18.51 -0.56 4.05
N THR A 155 18.26 -1.31 5.11
CA THR A 155 17.19 -2.30 5.14
C THR A 155 15.99 -1.76 5.89
N ARG A 156 14.80 -2.24 5.53
CA ARG A 156 13.58 -1.81 6.22
C ARG A 156 13.53 -2.43 7.62
N ALA A 157 14.25 -3.53 7.79
CA ALA A 157 14.49 -4.13 9.10
C ALA A 157 14.66 -3.09 10.22
N ASN A 158 15.48 -2.07 10.00
CA ASN A 158 15.86 -1.15 11.07
C ASN A 158 14.95 0.06 11.22
N TYR A 159 13.82 0.06 10.54
CA TYR A 159 12.93 1.21 10.62
C TYR A 159 11.49 0.81 10.87
N THR A 160 10.83 1.55 11.76
CA THR A 160 9.39 1.45 11.94
C THR A 160 8.73 1.90 10.63
N ASP A 161 7.47 1.51 10.41
CA ASP A 161 6.82 1.79 9.13
C ASP A 161 6.80 3.30 8.90
N GLU A 162 6.42 4.06 9.93
CA GLU A 162 6.39 5.54 9.87
C GLU A 162 7.71 6.15 9.39
N GLN A 163 8.82 5.63 9.91
CA GLN A 163 10.14 6.17 9.62
C GLN A 163 10.56 5.84 8.22
N TRP A 164 10.26 4.61 7.83
CA TRP A 164 10.64 4.11 6.53
C TRP A 164 9.95 4.97 5.47
N MET A 165 8.64 5.10 5.62
CA MET A 165 7.84 5.81 4.63
C MET A 165 8.18 7.29 4.58
N ASP A 166 8.47 7.87 5.73
CA ASP A 166 8.98 9.24 5.78
C ASP A 166 10.08 9.41 4.75
N ILE A 167 11.04 8.49 4.78
CA ILE A 167 12.16 8.52 3.85
C ILE A 167 11.64 8.35 2.43
N VAL A 168 10.77 7.36 2.25
CA VAL A 168 10.23 7.07 0.94
C VAL A 168 9.56 8.30 0.35
N PHE A 169 8.68 8.94 1.13
CA PHE A 169 8.01 10.15 0.65
C PHE A 169 8.97 11.30 0.43
N SER A 170 9.80 11.59 1.43
CA SER A 170 10.69 12.76 1.34
C SER A 170 11.64 12.63 0.16
N GLU A 171 12.13 11.43 -0.07
CA GLU A 171 13.00 11.20 -1.19
C GLU A 171 12.25 11.36 -2.51
N LEU A 172 11.11 10.72 -2.65
CA LEU A 172 10.30 10.90 -3.85
C LEU A 172 9.89 12.34 -4.04
N THR A 173 9.57 13.00 -2.93
CA THR A 173 9.20 14.42 -2.98
C THR A 173 10.37 15.23 -3.55
N LYS A 174 11.57 14.92 -3.09
CA LYS A 174 12.78 15.57 -3.65
C LYS A 174 13.01 15.20 -5.10
N GLY A 175 12.20 14.31 -5.66
CA GLY A 175 12.31 13.94 -7.06
C GLY A 175 13.36 12.86 -7.30
N HIS A 176 13.61 12.06 -6.28
CA HIS A 176 14.62 10.99 -6.34
C HIS A 176 13.95 9.63 -6.36
N PRO A 177 13.97 8.94 -7.51
CA PRO A 177 13.52 7.55 -7.56
C PRO A 177 14.44 6.64 -6.75
N LEU A 178 13.93 5.48 -6.37
CA LEU A 178 14.60 4.63 -5.40
C LEU A 178 14.84 3.23 -5.92
N ILE A 179 16.08 2.76 -5.79
CA ILE A 179 16.41 1.36 -6.02
C ILE A 179 15.90 0.60 -4.82
N TYR A 180 15.13 -0.45 -5.05
CA TYR A 180 14.43 -1.10 -3.94
C TYR A 180 14.32 -2.60 -4.15
N GLY A 181 14.53 -3.34 -3.06
CA GLY A 181 14.55 -4.79 -3.11
C GLY A 181 13.66 -5.40 -2.05
N GLY A 182 13.28 -6.65 -2.29
CA GLY A 182 12.48 -7.43 -1.35
C GLY A 182 12.45 -8.89 -1.76
N VAL A 183 12.01 -9.76 -0.87
CA VAL A 183 11.96 -11.20 -1.16
C VAL A 183 10.59 -11.76 -0.88
N SER A 184 10.15 -12.71 -1.70
CA SER A 184 8.85 -13.33 -1.56
C SER A 184 9.01 -14.69 -0.94
N PRO A 185 8.31 -14.91 0.17
CA PRO A 185 8.65 -16.05 0.99
C PRO A 185 8.14 -17.34 0.38
N GLY A 186 9.03 -18.32 0.32
CA GLY A 186 8.73 -19.60 -0.31
C GLY A 186 7.89 -20.49 0.57
N SER A 187 7.59 -21.66 0.02
CA SER A 187 6.78 -22.66 0.69
C SER A 187 7.62 -23.56 1.60
N MET A 188 8.95 -23.61 1.41
CA MET A 188 9.84 -24.30 2.38
C MET A 188 11.20 -23.61 2.52
N GLY A 189 11.17 -22.29 2.72
CA GLY A 189 12.38 -21.49 2.70
C GLY A 189 12.96 -21.35 1.30
N GLN A 190 12.23 -21.82 0.27
CA GLN A 190 12.57 -21.60 -1.14
C GLN A 190 12.14 -20.21 -1.55
N ASP A 191 12.86 -19.21 -1.06
CA ASP A 191 12.45 -17.82 -1.28
C ASP A 191 12.80 -17.35 -2.71
N ALA A 192 12.06 -16.36 -3.21
CA ALA A 192 12.32 -15.70 -4.48
C ALA A 192 12.55 -14.23 -4.18
N GLY A 193 13.62 -13.63 -4.71
CA GLY A 193 13.96 -12.22 -4.40
C GLY A 193 14.23 -11.37 -5.62
N HIS A 194 13.83 -10.09 -5.57
CA HIS A 194 13.83 -9.21 -6.75
C HIS A 194 14.21 -7.78 -6.41
N ALA A 195 14.69 -7.06 -7.42
CA ALA A 195 15.06 -5.64 -7.30
C ALA A 195 14.33 -4.81 -8.35
N PHE A 196 13.97 -3.59 -7.98
CA PHE A 196 13.10 -2.78 -8.81
C PHE A 196 13.17 -1.30 -8.39
N VAL A 197 12.40 -0.46 -9.08
CA VAL A 197 12.37 0.95 -8.72
C VAL A 197 10.99 1.41 -8.21
N ILE A 198 11.02 2.25 -7.17
CA ILE A 198 9.83 2.94 -6.70
C ILE A 198 9.95 4.37 -7.18
N ASP A 199 9.02 4.81 -8.03
CA ASP A 199 9.07 6.13 -8.70
C ASP A 199 7.80 6.96 -8.53
N GLY A 200 7.19 6.89 -7.35
CA GLY A 200 6.03 7.75 -7.03
C GLY A 200 5.10 7.29 -5.92
N TYR A 201 4.09 8.10 -5.64
CA TYR A 201 3.03 7.68 -4.74
C TYR A 201 1.73 8.42 -5.07
N ASN A 202 0.65 8.06 -4.40
CA ASN A 202 -0.62 8.78 -4.54
C ASN A 202 -1.19 9.28 -3.19
N LYS A 203 -2.31 10.01 -3.22
CA LYS A 203 -2.97 10.46 -1.98
C LYS A 203 -3.34 9.27 -1.08
N ALA A 204 -3.69 8.15 -1.71
CA ALA A 204 -4.03 6.92 -1.01
C ALA A 204 -2.87 6.25 -0.27
N GLY A 205 -1.63 6.54 -0.65
CA GLY A 205 -0.46 5.96 0.03
C GLY A 205 0.12 4.75 -0.66
N LEU A 206 -0.42 4.39 -1.83
CA LEU A 206 0.17 3.38 -2.71
C LEU A 206 1.38 3.95 -3.45
N VAL A 207 2.18 3.06 -4.02
CA VAL A 207 3.42 3.47 -4.66
C VAL A 207 3.49 2.98 -6.11
N SER A 208 4.00 3.85 -6.98
CA SER A 208 4.33 3.52 -8.37
C SER A 208 5.57 2.61 -8.41
N VAL A 209 5.47 1.46 -9.09
CA VAL A 209 6.60 0.54 -9.23
C VAL A 209 6.93 0.22 -10.69
N ASN A 210 8.24 0.13 -10.97
CA ASN A 210 8.78 -0.31 -12.25
C ASN A 210 9.64 -1.54 -12.00
N TRP A 211 9.07 -2.70 -12.25
CA TRP A 211 9.72 -3.95 -11.90
C TRP A 211 10.92 -4.26 -12.81
N GLY A 212 10.98 -3.62 -13.98
CA GLY A 212 12.03 -3.93 -14.95
C GLY A 212 11.75 -5.26 -15.62
N TRP A 213 10.52 -5.43 -16.09
CA TRP A 213 10.19 -6.53 -16.95
C TRP A 213 9.57 -5.99 -18.21
N ASN A 214 10.30 -5.10 -18.86
CA ASN A 214 9.82 -4.37 -20.03
C ASN A 214 8.48 -3.68 -19.75
N GLY A 215 8.34 -3.14 -18.54
CA GLY A 215 7.12 -2.46 -18.15
C GLY A 215 5.88 -3.33 -18.02
N ASP A 216 6.04 -4.62 -17.76
CA ASP A 216 4.88 -5.48 -17.57
C ASP A 216 4.42 -5.44 -16.15
N VAL A 217 3.10 -5.47 -15.94
CA VAL A 217 2.46 -5.36 -14.61
C VAL A 217 3.01 -4.22 -13.76
N ASP A 218 3.61 -3.23 -14.42
CA ASP A 218 4.07 -2.01 -13.74
C ASP A 218 2.82 -1.26 -13.28
N GLY A 219 2.94 -0.43 -12.24
CA GLY A 219 1.79 0.34 -11.73
C GLY A 219 1.80 0.69 -10.24
N TYR A 220 0.67 1.16 -9.72
CA TYR A 220 0.62 1.56 -8.33
C TYR A 220 0.29 0.34 -7.50
N TYR A 221 1.10 0.13 -6.46
CA TYR A 221 1.06 -1.06 -5.61
C TYR A 221 1.18 -0.69 -4.11
N LYS A 222 0.78 -1.62 -3.22
CA LYS A 222 0.97 -1.39 -1.77
C LYS A 222 2.35 -1.83 -1.34
N ILE A 223 3.09 -0.91 -0.72
CA ILE A 223 4.51 -1.16 -0.45
C ILE A 223 4.73 -2.37 0.46
N ASP A 224 3.74 -2.71 1.30
CA ASP A 224 3.82 -3.89 2.17
C ASP A 224 3.60 -5.22 1.40
N LEU A 225 2.80 -5.17 0.31
CA LEU A 225 2.48 -6.35 -0.51
C LEU A 225 3.49 -6.55 -1.63
N LEU A 226 3.55 -5.59 -2.56
CA LEU A 226 4.38 -5.67 -3.76
C LEU A 226 4.17 -7.01 -4.50
N ASN A 227 2.98 -7.16 -5.09
CA ASN A 227 2.47 -8.45 -5.54
C ASN A 227 2.02 -8.44 -7.00
N PRO A 228 2.97 -8.34 -7.94
CA PRO A 228 2.64 -8.22 -9.34
C PRO A 228 1.81 -9.38 -9.89
N GLY A 229 0.61 -9.05 -10.35
CA GLY A 229 -0.32 -10.00 -10.94
C GLY A 229 -0.48 -11.28 -10.13
N ASN A 230 -0.37 -11.18 -8.80
CA ASN A 230 -0.46 -12.34 -7.90
C ASN A 230 0.32 -13.58 -8.31
N MET A 231 1.49 -13.40 -8.90
CA MET A 231 2.39 -14.53 -9.11
C MET A 231 3.25 -14.61 -7.86
N TYR A 232 3.95 -13.49 -7.59
CA TYR A 232 4.82 -13.33 -6.42
C TYR A 232 4.31 -12.25 -5.48
N SER A 233 5.01 -12.07 -4.35
CA SER A 233 4.68 -11.05 -3.35
C SER A 233 5.85 -10.75 -2.42
N PHE A 234 6.46 -9.57 -2.57
CA PHE A 234 7.75 -9.25 -1.95
C PHE A 234 7.63 -8.50 -0.67
N THR A 235 7.57 -9.22 0.43
CA THR A 235 7.28 -8.64 1.73
C THR A 235 8.50 -8.60 2.63
N ALA A 236 9.23 -9.71 2.66
CA ALA A 236 10.32 -9.90 3.60
C ALA A 236 11.59 -9.17 3.16
N GLU A 237 12.36 -8.78 4.17
CA GLU A 237 13.72 -8.27 4.00
C GLU A 237 13.80 -7.15 2.96
N GLN A 238 12.88 -6.20 3.04
CA GLN A 238 12.88 -5.09 2.11
C GLN A 238 14.04 -4.17 2.39
N ASP A 239 14.57 -3.57 1.34
CA ASP A 239 15.75 -2.72 1.45
C ASP A 239 15.90 -1.80 0.25
N MET A 240 16.70 -0.76 0.40
CA MET A 240 16.89 0.23 -0.68
C MET A 240 18.30 0.80 -0.72
N VAL A 241 18.63 1.41 -1.87
CA VAL A 241 19.81 2.28 -1.94
C VAL A 241 19.40 3.72 -2.21
N ARG A 242 19.47 4.55 -1.17
CA ARG A 242 19.14 5.95 -1.31
C ARG A 242 20.43 6.71 -1.57
N GLY A 243 20.30 8.02 -1.79
CA GLY A 243 21.46 8.86 -2.00
C GLY A 243 21.98 8.81 -3.42
N VAL A 244 21.10 8.45 -4.36
CA VAL A 244 21.45 8.34 -5.76
C VAL A 244 20.76 9.46 -6.52
N TYR A 245 21.56 10.43 -6.98
CA TYR A 245 21.09 11.59 -7.74
C TYR A 245 22.26 12.48 -8.19
N GLY A 246 21.99 13.46 -9.04
CA GLY A 246 22.99 14.44 -9.43
C GLY A 246 23.37 15.29 -8.23
N VAL B 1 -11.02 26.36 7.20
CA VAL B 1 -10.75 25.02 7.79
C VAL B 1 -9.95 25.19 9.08
N ILE B 2 -10.52 24.70 10.19
CA ILE B 2 -9.99 24.95 11.52
C ILE B 2 -8.82 23.99 11.82
N LYS B 3 -7.81 24.50 12.53
CA LYS B 3 -6.56 23.76 12.72
C LYS B 3 -6.31 23.33 14.16
N PRO B 4 -5.66 22.18 14.36
CA PRO B 4 -5.31 21.70 15.69
C PRO B 4 -4.34 22.61 16.46
N ASP B 5 -4.79 23.09 17.63
CA ASP B 5 -3.98 23.86 18.56
C ASP B 5 -3.04 22.91 19.32
N PRO B 6 -1.72 23.02 19.07
CA PRO B 6 -0.79 21.99 19.58
C PRO B 6 -0.51 22.08 21.07
N SER B 7 -0.93 23.18 21.70
CA SER B 7 -0.86 23.30 23.15
C SER B 7 -2.05 22.62 23.81
N LYS B 8 -3.00 22.15 23.01
CA LYS B 8 -4.18 21.45 23.53
C LYS B 8 -4.20 19.98 23.06
N TYR B 9 -3.85 19.76 21.80
CA TYR B 9 -3.89 18.43 21.22
C TYR B 9 -2.53 18.09 20.63
N ALA B 10 -2.43 16.90 20.05
CA ALA B 10 -1.22 16.50 19.34
C ALA B 10 -1.08 17.39 18.12
N ALA B 11 0.16 17.66 17.71
CA ALA B 11 0.44 18.51 16.56
C ALA B 11 -0.10 17.90 15.24
N GLU B 12 -0.11 16.56 15.17
CA GLU B 12 -0.79 15.77 14.11
C GLU B 12 -0.91 14.28 14.49
N VAL B 13 -1.75 13.56 13.77
CA VAL B 13 -1.92 12.14 14.03
C VAL B 13 -1.86 11.40 12.72
N SER B 14 -0.84 10.57 12.54
CA SER B 14 -0.65 9.90 11.26
C SER B 14 -1.57 8.72 11.19
N THR B 15 -1.99 8.40 9.96
CA THR B 15 -2.93 7.31 9.69
C THR B 15 -2.82 6.21 10.70
N LEU B 16 -3.90 5.95 11.42
CA LEU B 16 -3.89 4.97 12.50
C LEU B 16 -4.23 3.55 12.02
N LEU B 17 -5.25 3.39 11.18
CA LEU B 17 -5.57 2.04 10.64
C LEU B 17 -4.48 1.46 9.74
N THR B 18 -4.33 0.15 9.77
CA THR B 18 -3.49 -0.51 8.77
C THR B 18 -4.29 -1.40 7.88
N THR B 19 -5.58 -1.54 8.17
CA THR B 19 -6.46 -2.32 7.33
C THR B 19 -6.91 -1.45 6.16
N THR B 20 -7.32 -2.12 5.09
CA THR B 20 -7.64 -1.49 3.83
C THR B 20 -8.78 -2.29 3.21
N TRP B 21 -9.85 -2.42 3.98
CA TRP B 21 -10.92 -3.39 3.72
C TRP B 21 -12.11 -2.80 2.95
N GLY B 22 -13.10 -3.64 2.68
CA GLY B 22 -14.32 -3.25 1.93
C GLY B 22 -15.53 -4.13 2.23
N GLN B 23 -16.51 -4.14 1.32
CA GLN B 23 -17.84 -4.76 1.59
C GLN B 23 -18.11 -6.08 0.89
N GLN B 24 -17.31 -6.46 -0.11
CA GLN B 24 -17.58 -7.65 -0.91
C GLN B 24 -16.65 -8.80 -0.55
N MET B 25 -16.38 -9.73 -1.45
CA MET B 25 -15.56 -10.89 -1.10
C MET B 25 -14.15 -10.49 -0.72
N PRO B 26 -13.61 -11.11 0.33
CA PRO B 26 -14.14 -12.17 1.15
C PRO B 26 -14.75 -11.64 2.41
N TYR B 27 -14.96 -10.34 2.47
CA TYR B 27 -15.51 -9.70 3.68
C TYR B 27 -16.95 -10.20 3.90
N ASN B 28 -17.67 -10.44 2.81
CA ASN B 28 -19.04 -10.87 2.87
C ASN B 28 -19.19 -12.38 2.78
N LYS B 29 -18.07 -13.09 2.80
CA LYS B 29 -18.07 -14.53 2.50
C LYS B 29 -19.21 -15.28 3.23
N LEU B 30 -19.45 -14.95 4.49
CA LEU B 30 -20.45 -15.65 5.26
C LEU B 30 -21.90 -15.12 5.06
N LEU B 31 -22.11 -14.15 4.17
CA LEU B 31 -23.47 -13.66 3.93
C LEU B 31 -24.10 -14.47 2.79
N PRO B 32 -25.43 -14.55 2.77
CA PRO B 32 -26.11 -15.28 1.72
C PRO B 32 -25.79 -14.76 0.35
N LYS B 33 -25.80 -15.64 -0.65
CA LYS B 33 -25.79 -15.20 -2.04
C LYS B 33 -27.24 -14.99 -2.46
N THR B 34 -27.45 -14.13 -3.44
CA THR B 34 -28.76 -14.01 -4.09
C THR B 34 -28.57 -13.91 -5.57
N LYS B 35 -29.70 -13.98 -6.29
CA LYS B 35 -29.70 -13.95 -7.76
C LYS B 35 -29.22 -12.61 -8.29
N LYS B 36 -29.23 -11.60 -7.43
CA LYS B 36 -28.60 -10.32 -7.75
C LYS B 36 -27.21 -10.23 -7.12
N GLY B 37 -26.50 -11.36 -6.97
CA GLY B 37 -25.16 -11.35 -6.38
C GLY B 37 -25.24 -11.53 -4.89
N ARG B 38 -24.09 -11.80 -4.26
CA ARG B 38 -24.03 -11.99 -2.81
C ARG B 38 -24.20 -10.68 -2.06
N LEU B 39 -24.88 -10.75 -0.92
CA LEU B 39 -25.12 -9.57 -0.09
C LEU B 39 -23.82 -8.96 0.35
N ILE B 40 -23.77 -7.64 0.36
CA ILE B 40 -22.59 -6.92 0.81
C ILE B 40 -22.70 -6.50 2.29
N THR B 41 -21.55 -6.34 2.93
CA THR B 41 -21.45 -6.21 4.39
C THR B 41 -22.13 -4.98 4.93
N GLY B 42 -22.04 -3.89 4.18
CA GLY B 42 -22.56 -2.58 4.61
C GLY B 42 -21.44 -1.66 5.07
N CYS B 43 -21.56 -0.36 4.81
CA CYS B 43 -20.46 0.57 5.17
C CYS B 43 -20.31 0.62 6.66
N VAL B 44 -21.43 0.67 7.38
CA VAL B 44 -21.36 0.73 8.83
C VAL B 44 -20.54 -0.46 9.34
N ALA B 45 -20.86 -1.65 8.84
CA ALA B 45 -20.20 -2.87 9.29
C ALA B 45 -18.69 -2.81 9.01
N THR B 46 -18.34 -2.49 7.77
CA THR B 46 -16.94 -2.43 7.36
C THR B 46 -16.22 -1.41 8.21
N ALA B 47 -16.85 -0.28 8.44
CA ALA B 47 -16.27 0.78 9.24
C ALA B 47 -16.04 0.31 10.66
N THR B 48 -17.09 -0.22 11.27
CA THR B 48 -16.99 -0.75 12.61
C THR B 48 -16.00 -1.92 12.72
N ALA B 49 -16.03 -2.81 11.75
CA ALA B 49 -15.04 -3.89 11.66
C ALA B 49 -13.61 -3.37 11.84
N GLN B 50 -13.27 -2.36 11.04
CA GLN B 50 -11.91 -1.88 10.99
C GLN B 50 -11.48 -1.31 12.35
N VAL B 51 -12.35 -0.52 12.99
CA VAL B 51 -11.99 0.08 14.27
C VAL B 51 -11.82 -0.99 15.33
N LEU B 52 -12.73 -1.95 15.38
CA LEU B 52 -12.55 -3.03 16.34
C LEU B 52 -11.19 -3.66 16.13
N ASN B 53 -10.88 -3.95 14.88
CA ASN B 53 -9.61 -4.58 14.53
C ASN B 53 -8.38 -3.79 14.97
N TYR B 54 -8.48 -2.47 14.88
CA TYR B 54 -7.39 -1.63 15.32
C TYR B 54 -7.08 -1.93 16.78
N PHE B 55 -8.10 -2.18 17.57
CA PHE B 55 -7.93 -2.47 18.98
C PHE B 55 -7.81 -3.95 19.27
N LYS B 56 -7.99 -4.77 18.25
CA LYS B 56 -8.02 -6.19 18.49
C LYS B 56 -8.86 -6.52 19.74
N TYR B 57 -10.09 -6.02 19.78
CA TYR B 57 -10.94 -6.10 20.98
C TYR B 57 -12.42 -6.12 20.58
N PRO B 58 -13.26 -6.87 21.31
CA PRO B 58 -13.06 -7.67 22.49
C PRO B 58 -12.59 -9.06 22.11
N VAL B 59 -12.13 -9.82 23.09
CA VAL B 59 -11.77 -11.20 22.83
C VAL B 59 -12.97 -11.97 22.30
N ARG B 60 -14.13 -11.63 22.86
CA ARG B 60 -15.35 -12.37 22.68
C ARG B 60 -16.56 -11.46 22.87
N GLY B 61 -17.68 -11.84 22.27
CA GLY B 61 -18.90 -11.04 22.33
C GLY B 61 -19.82 -11.42 23.47
N ILE B 62 -20.99 -10.78 23.45
CA ILE B 62 -22.00 -10.94 24.49
C ILE B 62 -23.34 -11.26 23.84
N GLY B 63 -23.84 -12.47 24.09
CA GLY B 63 -25.17 -12.87 23.65
C GLY B 63 -25.24 -13.19 22.16
N SER B 64 -26.45 -13.07 21.60
CA SER B 64 -26.69 -13.36 20.19
C SER B 64 -27.83 -12.54 19.65
N HIS B 65 -28.02 -12.61 18.33
CA HIS B 65 -29.05 -11.84 17.64
C HIS B 65 -29.14 -12.21 16.16
N THR B 66 -30.29 -11.96 15.57
CA THR B 66 -30.54 -12.27 14.17
C THR B 66 -31.27 -11.13 13.50
N VAL B 67 -30.86 -10.83 12.28
CA VAL B 67 -31.63 -9.96 11.37
C VAL B 67 -32.08 -10.75 10.14
N HIS B 68 -32.96 -10.19 9.36
CA HIS B 68 -33.51 -10.94 8.26
C HIS B 68 -33.41 -10.21 6.91
N TYR B 69 -33.12 -10.98 5.86
CA TYR B 69 -33.16 -10.44 4.48
C TYR B 69 -34.25 -11.10 3.71
N PRO B 70 -35.08 -10.31 3.03
CA PRO B 70 -35.16 -8.87 3.01
C PRO B 70 -35.52 -8.30 4.35
N ALA B 71 -35.27 -6.99 4.48
CA ALA B 71 -35.38 -6.30 5.75
C ALA B 71 -36.59 -6.70 6.55
N ASN B 72 -37.77 -6.21 6.20
CA ASN B 72 -38.91 -6.40 7.09
C ASN B 72 -39.92 -7.39 6.53
N ASP B 73 -39.37 -8.36 5.83
CA ASP B 73 -40.15 -9.41 5.25
C ASP B 73 -40.46 -10.42 6.33
N PRO B 74 -41.75 -10.78 6.48
CA PRO B 74 -42.23 -11.73 7.48
C PRO B 74 -41.78 -13.14 7.28
N SER B 75 -40.97 -13.37 6.25
CA SER B 75 -40.51 -14.68 5.89
C SER B 75 -39.16 -14.61 5.20
N GLY B 76 -38.35 -13.62 5.57
CA GLY B 76 -37.01 -13.50 5.02
C GLY B 76 -36.00 -14.36 5.76
N THR B 77 -34.79 -14.47 5.20
CA THR B 77 -33.78 -15.40 5.70
C THR B 77 -33.07 -14.83 6.91
N ALA B 78 -32.82 -15.73 7.86
CA ALA B 78 -32.17 -15.34 9.10
C ALA B 78 -30.70 -15.15 8.84
N ILE B 79 -30.15 -14.08 9.38
CA ILE B 79 -28.72 -13.83 9.31
C ILE B 79 -28.31 -13.57 10.75
N SER B 80 -27.74 -14.61 11.37
CA SER B 80 -27.57 -14.63 12.80
C SER B 80 -26.12 -14.54 13.22
N ALA B 81 -25.90 -14.06 14.45
CA ALA B 81 -24.56 -13.90 15.02
C ALA B 81 -24.58 -14.28 16.48
N ASP B 82 -23.77 -15.27 16.87
CA ASP B 82 -23.66 -15.65 18.27
C ASP B 82 -22.39 -15.07 18.92
N PHE B 83 -22.50 -13.82 19.31
CA PHE B 83 -21.37 -13.09 19.82
C PHE B 83 -20.84 -13.82 21.02
N GLY B 84 -21.74 -14.30 21.85
CA GLY B 84 -21.39 -14.88 23.14
C GLY B 84 -20.38 -16.00 23.03
N ASN B 85 -20.57 -16.82 22.00
CA ASN B 85 -19.72 -18.00 21.77
C ASN B 85 -18.69 -17.82 20.66
N THR B 86 -18.37 -16.60 20.31
CA THR B 86 -17.37 -16.36 19.30
C THR B 86 -16.12 -15.68 19.83
N THR B 87 -15.00 -16.39 19.70
CA THR B 87 -13.70 -15.85 20.10
C THR B 87 -13.03 -15.33 18.85
N TYR B 88 -13.06 -14.01 18.67
CA TYR B 88 -12.73 -13.39 17.38
C TYR B 88 -11.27 -13.58 17.02
N ASP B 89 -11.04 -14.12 15.83
CA ASP B 89 -9.72 -14.61 15.44
C ASP B 89 -8.82 -13.50 14.93
N TRP B 90 -8.39 -12.66 15.85
CA TRP B 90 -7.69 -11.43 15.51
C TRP B 90 -6.42 -11.73 14.76
N ALA B 91 -5.69 -12.74 15.21
CA ALA B 91 -4.43 -13.10 14.59
C ALA B 91 -4.55 -13.24 13.07
N ASN B 92 -5.68 -13.75 12.57
CA ASN B 92 -5.87 -14.00 11.14
C ASN B 92 -6.67 -12.92 10.39
N MET B 93 -6.75 -11.73 10.98
CA MET B 93 -7.34 -10.57 10.31
C MET B 93 -6.24 -9.90 9.47
N LYS B 94 -6.05 -10.39 8.25
CA LYS B 94 -5.06 -9.84 7.31
C LYS B 94 -5.25 -8.32 7.13
N ASP B 95 -4.17 -7.58 6.91
CA ASP B 95 -4.31 -6.15 6.70
C ASP B 95 -4.99 -5.88 5.38
N ASN B 96 -4.77 -6.76 4.40
CA ASN B 96 -5.27 -6.53 3.03
C ASN B 96 -5.63 -7.82 2.24
N TYR B 97 -6.91 -7.94 1.90
CA TYR B 97 -7.42 -9.19 1.29
C TYR B 97 -7.47 -9.18 -0.25
N SER B 98 -6.74 -8.26 -0.88
CA SER B 98 -6.72 -8.15 -2.34
C SER B 98 -5.72 -9.12 -2.94
N GLY B 99 -4.91 -9.75 -2.09
CA GLY B 99 -3.99 -10.80 -2.55
C GLY B 99 -4.62 -12.18 -2.38
N ASN B 100 -3.75 -13.19 -2.24
CA ASN B 100 -4.18 -14.52 -1.86
C ASN B 100 -4.34 -14.54 -0.36
N TYR B 101 -5.04 -15.57 0.13
CA TYR B 101 -5.19 -15.77 1.56
C TYR B 101 -5.74 -17.14 1.88
N THR B 102 -5.38 -17.67 3.05
CA THR B 102 -5.95 -18.92 3.54
C THR B 102 -7.38 -18.68 3.92
N GLU B 103 -8.14 -19.76 4.01
CA GLU B 103 -9.54 -19.62 4.36
C GLU B 103 -9.74 -19.13 5.80
N ALA B 104 -8.90 -19.67 6.69
CA ALA B 104 -8.74 -19.16 8.05
C ALA B 104 -8.79 -17.63 8.08
N GLU B 105 -7.95 -17.03 7.24
CA GLU B 105 -7.86 -15.58 7.14
C GLU B 105 -9.17 -15.04 6.62
N ALA B 106 -9.76 -15.71 5.63
CA ALA B 106 -11.07 -15.30 5.10
C ALA B 106 -12.15 -15.25 6.17
N ASN B 107 -12.27 -16.34 6.91
CA ASN B 107 -13.30 -16.47 7.95
C ASN B 107 -13.09 -15.56 9.11
N ALA B 108 -11.83 -15.21 9.35
CA ALA B 108 -11.52 -14.25 10.41
C ALA B 108 -12.36 -12.98 10.22
N VAL B 109 -12.17 -12.32 9.10
CA VAL B 109 -12.79 -11.03 8.82
C VAL B 109 -14.27 -11.20 8.43
N ALA B 110 -14.63 -12.28 7.76
CA ALA B 110 -16.03 -12.48 7.35
C ALA B 110 -16.97 -12.55 8.52
N THR B 111 -16.48 -13.06 9.64
CA THR B 111 -17.27 -13.11 10.85
C THR B 111 -17.39 -11.75 11.50
N LEU B 112 -16.29 -11.03 11.58
CA LEU B 112 -16.33 -9.71 12.19
C LEU B 112 -17.34 -8.84 11.46
N MET B 113 -17.25 -8.90 10.13
CA MET B 113 -18.15 -8.18 9.26
C MET B 113 -19.59 -8.60 9.51
N LEU B 114 -19.82 -9.90 9.57
CA LEU B 114 -21.18 -10.38 9.84
C LEU B 114 -21.65 -9.78 11.14
N HIS B 115 -20.88 -9.96 12.20
CA HIS B 115 -21.31 -9.60 13.52
C HIS B 115 -21.57 -8.12 13.64
N CYS B 116 -20.62 -7.33 13.16
CA CYS B 116 -20.79 -5.90 13.19
C CYS B 116 -22.12 -5.51 12.53
N GLY B 117 -22.33 -6.02 11.31
CA GLY B 117 -23.59 -5.81 10.61
C GLY B 117 -24.84 -6.20 11.41
N VAL B 118 -24.87 -7.43 11.89
CA VAL B 118 -25.98 -7.92 12.70
C VAL B 118 -26.18 -7.01 13.91
N ALA B 119 -25.12 -6.75 14.64
CA ALA B 119 -25.19 -5.88 15.84
C ALA B 119 -25.82 -4.54 15.58
N SER B 120 -25.80 -4.07 14.34
CA SER B 120 -26.30 -2.74 14.02
C SER B 120 -27.65 -2.78 13.35
N GLU B 121 -28.24 -3.97 13.27
CA GLU B 121 -29.56 -4.13 12.66
C GLU B 121 -29.51 -3.80 11.18
N MET B 122 -28.48 -4.33 10.54
CA MET B 122 -28.26 -4.07 9.15
C MET B 122 -29.44 -4.56 8.37
N GLN B 123 -29.97 -3.69 7.52
CA GLN B 123 -30.85 -4.09 6.43
C GLN B 123 -29.95 -4.44 5.25
N TYR B 124 -29.75 -5.72 5.02
CA TYR B 124 -28.79 -6.14 4.01
C TYR B 124 -29.33 -5.98 2.62
N GLY B 125 -28.42 -6.00 1.65
CA GLY B 125 -28.77 -5.81 0.24
C GLY B 125 -27.70 -6.26 -0.76
N GLY B 126 -28.06 -6.28 -2.05
CA GLY B 126 -27.13 -6.66 -3.12
C GLY B 126 -26.04 -5.64 -3.38
N PRO B 127 -25.10 -5.94 -4.30
CA PRO B 127 -24.14 -4.95 -4.74
C PRO B 127 -24.79 -3.69 -5.24
N ASN B 128 -25.87 -3.81 -6.00
CA ASN B 128 -26.51 -2.64 -6.56
C ASN B 128 -27.39 -1.93 -5.58
N GLU B 129 -28.04 -2.69 -4.72
CA GLU B 129 -29.02 -2.12 -3.79
C GLU B 129 -28.32 -1.49 -2.58
N GLY B 130 -27.28 -2.17 -2.08
CA GLY B 130 -26.48 -1.69 -0.96
C GLY B 130 -27.05 -2.11 0.38
N SER B 131 -26.18 -2.22 1.38
CA SER B 131 -26.60 -2.56 2.73
C SER B 131 -26.37 -1.40 3.66
N GLY B 132 -27.42 -1.01 4.37
CA GLY B 132 -27.36 0.15 5.26
C GLY B 132 -27.88 -0.14 6.65
N ALA B 133 -27.40 0.66 7.62
CA ALA B 133 -27.85 0.67 9.04
C ALA B 133 -27.85 2.09 9.62
N TYR B 134 -28.42 2.27 10.82
CA TYR B 134 -28.36 3.58 11.46
C TYR B 134 -27.23 3.64 12.43
N MET B 135 -26.41 4.69 12.33
CA MET B 135 -25.30 4.88 13.27
C MET B 135 -25.75 4.77 14.71
N THR B 136 -27.01 5.14 14.94
CA THR B 136 -27.60 5.13 16.25
C THR B 136 -27.69 3.70 16.76
N ASP B 137 -28.14 2.79 15.91
CA ASP B 137 -28.28 1.38 16.27
C ASP B 137 -26.92 0.64 16.25
N CYS B 138 -25.91 1.27 15.63
CA CYS B 138 -24.54 0.79 15.69
C CYS B 138 -23.94 1.02 17.08
N ALA B 139 -24.13 2.22 17.63
CA ALA B 139 -23.70 2.47 18.99
C ALA B 139 -24.38 1.49 19.95
N ALA B 140 -25.69 1.37 19.84
CA ALA B 140 -26.47 0.43 20.67
C ALA B 140 -25.93 -0.99 20.61
N GLY B 141 -25.58 -1.42 19.42
CA GLY B 141 -25.05 -2.76 19.22
C GLY B 141 -23.69 -2.95 19.84
N LEU B 142 -22.83 -1.96 19.65
CA LEU B 142 -21.51 -2.05 20.22
C LEU B 142 -21.60 -2.25 21.72
N ARG B 143 -22.34 -1.38 22.39
CA ARG B 143 -22.51 -1.51 23.82
C ARG B 143 -23.00 -2.91 24.16
N THR B 144 -24.11 -3.31 23.55
CA THR B 144 -24.81 -4.51 23.97
C THR B 144 -24.04 -5.78 23.69
N TYR B 145 -23.63 -5.95 22.43
CA TYR B 145 -23.09 -7.21 21.95
C TYR B 145 -21.53 -7.27 21.92
N PHE B 146 -20.86 -6.12 22.01
CA PHE B 146 -19.40 -6.14 21.97
C PHE B 146 -18.73 -5.70 23.28
N GLY B 147 -19.49 -5.05 24.15
CA GLY B 147 -19.02 -4.77 25.49
C GLY B 147 -18.50 -3.38 25.67
N PHE B 148 -18.59 -2.58 24.60
CA PHE B 148 -18.05 -1.23 24.62
C PHE B 148 -19.00 -0.29 25.38
N THR B 149 -18.98 -0.35 26.70
CA THR B 149 -20.01 0.31 27.48
C THR B 149 -19.90 1.84 27.42
N ASP B 150 -18.82 2.35 26.83
CA ASP B 150 -18.71 3.79 26.65
C ASP B 150 -18.97 4.26 25.22
N ALA B 151 -19.22 3.32 24.31
CA ALA B 151 -19.67 3.67 22.97
C ALA B 151 -20.88 4.55 23.04
N GLU B 152 -20.92 5.60 22.21
CA GLU B 152 -21.95 6.66 22.27
C GLU B 152 -22.17 7.28 20.89
N TYR B 153 -23.43 7.55 20.54
CA TYR B 153 -23.72 8.21 19.28
C TYR B 153 -23.85 9.71 19.45
N ILE B 154 -23.36 10.51 18.50
CA ILE B 154 -23.59 11.95 18.51
C ILE B 154 -23.61 12.52 17.11
N THR B 155 -24.48 13.51 16.87
CA THR B 155 -24.57 14.16 15.56
C THR B 155 -23.82 15.50 15.56
N ARG B 156 -23.31 15.88 14.40
CA ARG B 156 -22.63 17.14 14.23
C ARG B 156 -23.61 18.26 14.39
N ALA B 157 -24.87 17.98 14.09
CA ALA B 157 -25.98 18.92 14.30
C ALA B 157 -25.90 19.69 15.60
N ASN B 158 -25.50 19.03 16.69
CA ASN B 158 -25.54 19.65 18.02
C ASN B 158 -24.25 20.36 18.48
N TYR B 159 -23.28 20.51 17.61
CA TYR B 159 -22.01 21.14 18.00
C TYR B 159 -21.56 22.19 17.02
N THR B 160 -21.04 23.29 17.53
CA THR B 160 -20.38 24.28 16.69
C THR B 160 -19.09 23.65 16.18
N ASP B 161 -18.53 24.23 15.12
CA ASP B 161 -17.44 23.57 14.44
C ASP B 161 -16.26 23.40 15.43
N GLU B 162 -15.92 24.47 16.17
CA GLU B 162 -14.86 24.41 17.17
C GLU B 162 -15.02 23.23 18.14
N GLN B 163 -16.25 23.01 18.58
CA GLN B 163 -16.56 22.00 19.59
C GLN B 163 -16.46 20.61 19.01
N TRP B 164 -16.92 20.47 17.78
CA TRP B 164 -16.93 19.20 17.14
C TRP B 164 -15.50 18.74 16.95
N MET B 165 -14.68 19.64 16.41
CA MET B 165 -13.28 19.33 16.06
C MET B 165 -12.42 19.09 17.28
N ASP B 166 -12.67 19.87 18.33
CA ASP B 166 -12.10 19.62 19.65
C ASP B 166 -12.21 18.13 20.00
N ILE B 167 -13.41 17.56 19.83
CA ILE B 167 -13.63 16.15 20.12
C ILE B 167 -12.80 15.32 19.15
N VAL B 168 -12.87 15.68 17.87
CA VAL B 168 -12.16 14.94 16.81
C VAL B 168 -10.67 14.88 17.09
N PHE B 169 -10.06 16.03 17.37
CA PHE B 169 -8.63 16.07 17.67
C PHE B 169 -8.30 15.32 18.98
N SER B 170 -9.05 15.60 20.04
CA SER B 170 -8.79 14.97 21.33
C SER B 170 -8.89 13.47 21.25
N GLU B 171 -9.91 13.00 20.56
CA GLU B 171 -10.10 11.57 20.41
C GLU B 171 -8.97 10.96 19.62
N LEU B 172 -8.66 11.55 18.47
CA LEU B 172 -7.55 11.03 17.67
C LEU B 172 -6.24 11.13 18.44
N THR B 173 -6.06 12.22 19.17
CA THR B 173 -4.90 12.41 20.03
C THR B 173 -4.83 11.27 21.04
N LYS B 174 -5.96 10.94 21.67
CA LYS B 174 -6.01 9.76 22.57
C LYS B 174 -5.74 8.43 21.81
N GLY B 175 -5.59 8.46 20.49
CA GLY B 175 -5.27 7.26 19.71
C GLY B 175 -6.49 6.44 19.36
N HIS B 176 -7.63 7.12 19.29
CA HIS B 176 -8.90 6.47 19.03
C HIS B 176 -9.41 6.84 17.67
N PRO B 177 -9.37 5.90 16.72
CA PRO B 177 -10.09 6.15 15.46
C PRO B 177 -11.61 6.34 15.66
N LEU B 178 -12.27 6.87 14.64
CA LEU B 178 -13.67 7.22 14.81
C LEU B 178 -14.55 6.67 13.70
N ILE B 179 -15.63 6.03 14.11
CA ILE B 179 -16.67 5.65 13.18
C ILE B 179 -17.42 6.94 12.84
N TYR B 180 -17.57 7.24 11.57
CA TYR B 180 -18.08 8.54 11.19
C TYR B 180 -19.00 8.40 10.00
N GLY B 181 -20.09 9.15 9.99
CA GLY B 181 -21.07 9.09 8.90
C GLY B 181 -21.40 10.47 8.36
N GLY B 182 -21.95 10.49 7.15
CA GLY B 182 -22.46 11.73 6.57
C GLY B 182 -23.29 11.43 5.34
N VAL B 183 -23.96 12.43 4.79
CA VAL B 183 -24.76 12.22 3.59
C VAL B 183 -24.49 13.30 2.54
N SER B 184 -24.55 12.89 1.27
CA SER B 184 -24.28 13.74 0.11
C SER B 184 -25.60 14.08 -0.57
N PRO B 185 -26.04 15.34 -0.56
CA PRO B 185 -27.25 15.60 -1.35
C PRO B 185 -26.90 15.67 -2.83
N GLY B 186 -26.68 14.50 -3.44
CA GLY B 186 -26.22 14.42 -4.84
C GLY B 186 -27.17 14.93 -5.91
N SER B 187 -28.46 15.03 -5.57
CA SER B 187 -29.54 15.40 -6.51
C SER B 187 -30.90 15.45 -5.76
N MET B 188 -31.99 15.54 -6.53
CA MET B 188 -33.35 15.84 -6.02
C MET B 188 -33.86 14.93 -4.88
N GLY B 189 -33.48 13.66 -4.90
CA GLY B 189 -33.89 12.76 -3.84
C GLY B 189 -32.73 12.07 -3.13
N GLN B 190 -31.50 12.46 -3.45
CA GLN B 190 -30.33 11.66 -3.09
C GLN B 190 -30.19 11.44 -1.59
N ASP B 191 -30.41 10.18 -1.24
CA ASP B 191 -30.16 9.62 0.08
C ASP B 191 -28.67 9.24 0.18
N ALA B 192 -27.81 9.95 -0.56
CA ALA B 192 -26.42 9.53 -0.75
C ALA B 192 -25.66 9.56 0.57
N GLY B 193 -25.77 8.47 1.34
CA GLY B 193 -25.25 8.41 2.73
C GLY B 193 -24.31 7.26 3.02
N HIS B 194 -23.17 7.55 3.66
CA HIS B 194 -22.05 6.59 3.77
C HIS B 194 -21.37 6.68 5.14
N ALA B 195 -20.80 5.55 5.56
CA ALA B 195 -20.12 5.41 6.84
C ALA B 195 -18.66 4.97 6.63
N PHE B 196 -17.77 5.47 7.48
CA PHE B 196 -16.34 5.29 7.27
C PHE B 196 -15.54 5.64 8.52
N VAL B 197 -14.21 5.57 8.43
CA VAL B 197 -13.39 5.90 9.58
C VAL B 197 -12.49 7.10 9.33
N ILE B 198 -12.37 7.94 10.36
CA ILE B 198 -11.39 9.00 10.43
C ILE B 198 -10.30 8.51 11.36
N ASP B 199 -9.08 8.41 10.82
CA ASP B 199 -7.94 7.85 11.54
C ASP B 199 -6.71 8.77 11.50
N GLY B 200 -6.91 10.08 11.56
CA GLY B 200 -5.77 11.01 11.64
C GLY B 200 -6.05 12.46 11.27
N TYR B 201 -5.06 13.33 11.49
CA TYR B 201 -5.12 14.71 11.03
C TYR B 201 -3.71 15.26 10.80
N ASN B 202 -3.61 16.43 10.17
CA ASN B 202 -2.29 17.06 9.97
C ASN B 202 -2.23 18.46 10.59
N LYS B 203 -1.07 19.10 10.47
CA LYS B 203 -0.89 20.49 10.92
C LYS B 203 -1.95 21.39 10.27
N ALA B 204 -2.17 21.17 8.97
CA ALA B 204 -3.09 22.00 8.17
C ALA B 204 -4.56 21.87 8.59
N GLY B 205 -4.91 20.77 9.27
CA GLY B 205 -6.29 20.58 9.73
C GLY B 205 -7.15 19.65 8.86
N LEU B 206 -6.54 19.05 7.84
CA LEU B 206 -7.18 18.02 7.05
C LEU B 206 -7.18 16.73 7.86
N VAL B 207 -8.02 15.78 7.45
CA VAL B 207 -8.15 14.49 8.15
C VAL B 207 -7.94 13.28 7.24
N SER B 208 -7.26 12.26 7.76
CA SER B 208 -7.12 10.99 7.05
C SER B 208 -8.41 10.20 7.15
N VAL B 209 -8.90 9.71 6.02
CA VAL B 209 -10.12 8.89 5.96
C VAL B 209 -9.84 7.53 5.33
N ASN B 210 -10.60 6.53 5.81
CA ASN B 210 -10.66 5.20 5.20
C ASN B 210 -12.10 4.87 4.89
N TRP B 211 -12.46 5.04 3.63
CA TRP B 211 -13.85 4.92 3.23
C TRP B 211 -14.34 3.48 3.29
N GLY B 212 -13.43 2.51 3.34
CA GLY B 212 -13.82 1.11 3.28
C GLY B 212 -14.30 0.72 1.90
N TRP B 213 -13.52 1.08 0.89
CA TRP B 213 -13.74 0.53 -0.46
C TRP B 213 -12.45 -0.08 -0.89
N ASN B 214 -11.98 -1.01 -0.06
CA ASN B 214 -10.67 -1.65 -0.22
C ASN B 214 -9.53 -0.63 -0.33
N GLY B 215 -9.64 0.46 0.45
CA GLY B 215 -8.65 1.52 0.44
C GLY B 215 -8.54 2.38 -0.81
N ASP B 216 -9.58 2.42 -1.64
CA ASP B 216 -9.56 3.25 -2.85
C ASP B 216 -9.89 4.69 -2.47
N VAL B 217 -9.25 5.65 -3.13
CA VAL B 217 -9.44 7.08 -2.84
C VAL B 217 -9.32 7.43 -1.35
N ASP B 218 -8.70 6.55 -0.56
CA ASP B 218 -8.41 6.87 0.85
C ASP B 218 -7.42 8.03 0.87
N GLY B 219 -7.33 8.72 1.99
CA GLY B 219 -6.33 9.77 2.13
C GLY B 219 -6.79 10.96 2.92
N TYR B 220 -6.03 12.04 2.84
CA TYR B 220 -6.27 13.26 3.62
C TYR B 220 -7.38 14.10 2.97
N TYR B 221 -8.39 14.47 3.75
CA TYR B 221 -9.55 15.19 3.24
C TYR B 221 -9.96 16.32 4.16
N LYS B 222 -10.76 17.24 3.61
CA LYS B 222 -11.42 18.30 4.39
C LYS B 222 -12.71 17.76 5.05
N ILE B 223 -12.79 17.87 6.36
CA ILE B 223 -13.88 17.29 7.12
C ILE B 223 -15.23 17.84 6.69
N ASP B 224 -15.26 19.10 6.26
CA ASP B 224 -16.51 19.71 5.85
C ASP B 224 -16.93 19.22 4.46
N LEU B 225 -15.96 18.84 3.63
CA LEU B 225 -16.23 18.37 2.25
C LEU B 225 -16.51 16.87 2.22
N LEU B 226 -15.47 16.10 2.51
CA LEU B 226 -15.49 14.64 2.36
C LEU B 226 -15.95 14.20 0.96
N ASN B 227 -15.10 14.45 -0.05
CA ASN B 227 -15.48 14.38 -1.47
C ASN B 227 -14.58 13.46 -2.31
N PRO B 228 -14.68 12.15 -2.09
CA PRO B 228 -13.78 11.18 -2.72
C PRO B 228 -13.78 11.22 -4.25
N GLY B 229 -12.65 11.63 -4.82
CA GLY B 229 -12.47 11.74 -6.28
C GLY B 229 -13.58 12.51 -6.98
N ASN B 230 -14.20 13.45 -6.27
CA ASN B 230 -15.32 14.21 -6.82
C ASN B 230 -16.44 13.37 -7.48
N MET B 231 -16.77 12.20 -6.93
CA MET B 231 -18.02 11.55 -7.33
C MET B 231 -19.06 12.10 -6.40
N TYR B 232 -18.85 11.87 -5.09
CA TYR B 232 -19.76 12.32 -4.01
C TYR B 232 -19.13 13.44 -3.18
N SER B 233 -19.88 13.85 -2.17
CA SER B 233 -19.42 14.82 -1.17
C SER B 233 -20.33 14.81 0.09
N PHE B 234 -19.80 14.32 1.20
CA PHE B 234 -20.61 14.04 2.40
C PHE B 234 -20.59 15.20 3.38
N THR B 235 -21.54 16.11 3.24
CA THR B 235 -21.58 17.34 4.02
C THR B 235 -22.63 17.30 5.12
N ALA B 236 -23.85 16.93 4.71
CA ALA B 236 -25.06 17.02 5.55
C ALA B 236 -25.15 15.89 6.58
N GLU B 237 -25.72 16.24 7.73
CA GLU B 237 -26.07 15.27 8.77
C GLU B 237 -24.88 14.41 9.19
N GLN B 238 -23.75 15.05 9.42
CA GLN B 238 -22.61 14.29 9.86
C GLN B 238 -22.83 13.79 11.29
N ASP B 239 -22.21 12.66 11.59
CA ASP B 239 -22.36 12.05 12.90
C ASP B 239 -21.30 11.01 13.15
N MET B 240 -21.12 10.63 14.41
CA MET B 240 -20.12 9.64 14.75
C MET B 240 -20.50 8.82 15.93
N VAL B 241 -19.76 7.72 16.12
CA VAL B 241 -19.83 6.91 17.32
C VAL B 241 -18.51 6.99 18.05
N ARG B 242 -18.49 7.73 19.16
CA ARG B 242 -17.28 7.83 19.98
C ARG B 242 -17.37 6.83 21.11
N GLY B 243 -16.29 6.72 21.90
CA GLY B 243 -16.25 5.87 23.10
C GLY B 243 -15.94 4.41 22.81
N VAL B 244 -15.31 4.19 21.67
CA VAL B 244 -15.00 2.86 21.21
C VAL B 244 -13.51 2.68 21.30
N TYR B 245 -13.09 1.88 22.28
CA TYR B 245 -11.67 1.58 22.49
C TYR B 245 -11.56 0.53 23.56
N GLY B 246 -10.42 -0.14 23.54
CA GLY B 246 -10.13 -1.17 24.50
C GLY B 246 -9.97 -0.60 25.89
N LYS B 247 -10.66 -1.22 26.85
CA LYS B 247 -10.36 -1.00 28.27
C LYS B 247 -8.84 -1.07 28.48
N PRO B 248 -8.37 -0.53 29.61
CA PRO B 248 -6.95 -0.73 29.85
C PRO B 248 -6.69 -2.23 29.98
N LEU B 249 -5.49 -2.69 29.67
CA LEU B 249 -5.09 -4.01 30.10
C LEU B 249 -4.64 -3.79 31.53
N GLU B 250 -4.47 -4.84 32.33
CA GLU B 250 -3.95 -4.65 33.72
C GLU B 250 -2.72 -5.55 34.13
#